data_8AC8
#
_entry.id   8AC8
#
_cell.length_a   47.400
_cell.length_b   85.310
_cell.length_c   146.380
_cell.angle_alpha   90.000
_cell.angle_beta   90.000
_cell.angle_gamma   90.000
#
_symmetry.space_group_name_H-M   'P 2 21 21'
#
loop_
_entity.id
_entity.type
_entity.pdbx_description
1 polymer 'Replication initiation protein'
2 polymer "DNA (5'-D(*AP*TP*TP*TP*TP*TP*AP*TP*A)-3')"
3 water water
#
loop_
_entity_poly.entity_id
_entity_poly.type
_entity_poly.pdbx_seq_one_letter_code
_entity_poly.pdbx_strand_id
1 'polypeptide(L)'
;MAETAVINHKKRKNSPRIVQSNDLTEAAYSLSRDQKRMLYLFVDQIRKSDGTLQEHDGICEIHVAKYAEIFGLTSAEASK
DIRQALKSFAGKEVVFYRPEEDAGDEKGYESFPWFIKPAHSPSRGLYSVHINPYLIPFFIGLQNRFTQFRLSETKEITNP
YAMRLYESLCQYRKPDGSGIVSLKIDWIIERYQLPQSYQRMPDFRRRFLQVCVNEINSRTPMRLSYIEKKKGRQTTHIVF
SFRDITSMTTG
;
C,A
2 'polydeoxyribonucleotide' (DA)(DT)(DT)(DT)(DT)(DT)(DA)(DT)(DA) B,D
#
# COMPACT_ATOMS: atom_id res chain seq x y z
N SER A 15 12.75 -15.60 -21.46
CA SER A 15 12.44 -14.20 -21.17
C SER A 15 13.74 -13.37 -21.15
N PRO A 16 13.71 -12.18 -21.77
CA PRO A 16 14.95 -11.44 -21.98
C PRO A 16 15.57 -10.96 -20.67
N ARG A 17 16.89 -11.03 -20.62
CA ARG A 17 17.66 -10.55 -19.47
C ARG A 17 17.97 -9.06 -19.69
N ILE A 18 17.40 -8.22 -18.85
CA ILE A 18 17.72 -6.80 -18.84
C ILE A 18 18.99 -6.59 -18.01
N VAL A 19 20.00 -5.96 -18.60
CA VAL A 19 21.27 -5.75 -17.93
C VAL A 19 21.64 -4.28 -18.08
N GLN A 20 22.06 -3.66 -16.99
CA GLN A 20 22.38 -2.24 -17.04
C GLN A 20 23.43 -1.90 -16.00
N SER A 21 24.16 -0.81 -16.26
CA SER A 21 25.13 -0.37 -15.27
C SER A 21 24.42 0.00 -13.97
N ASN A 22 25.06 -0.31 -12.83
CA ASN A 22 24.52 0.16 -11.55
C ASN A 22 24.40 1.68 -11.52
N ASP A 23 25.22 2.39 -12.29
CA ASP A 23 25.06 3.83 -12.37
C ASP A 23 23.72 4.22 -12.97
N LEU A 24 23.16 3.36 -13.83
CA LEU A 24 21.83 3.64 -14.36
C LEU A 24 20.76 3.25 -13.34
N THR A 25 20.93 2.10 -12.67
CA THR A 25 19.97 1.71 -11.65
C THR A 25 19.82 2.81 -10.59
N GLU A 26 20.92 3.51 -10.29
CA GLU A 26 21.00 4.55 -9.27
C GLU A 26 20.77 5.96 -9.82
N ALA A 27 20.55 6.11 -11.11
CA ALA A 27 20.50 7.44 -11.71
C ALA A 27 19.22 8.16 -11.34
N ALA A 28 19.27 9.50 -11.42
CA ALA A 28 18.09 10.33 -11.19
C ALA A 28 17.33 10.48 -12.50
N TYR A 29 16.14 9.89 -12.58
CA TYR A 29 15.29 10.08 -13.75
C TYR A 29 13.86 9.82 -13.33
N SER A 30 12.94 10.18 -14.23
CA SER A 30 11.50 10.04 -13.96
C SER A 30 10.84 9.60 -15.28
N LEU A 31 10.52 8.31 -15.37
CA LEU A 31 9.82 7.77 -16.52
C LEU A 31 8.56 7.07 -16.05
N SER A 32 7.54 7.05 -16.92
CA SER A 32 6.31 6.33 -16.59
C SER A 32 6.55 4.83 -16.62
N ARG A 33 5.55 4.08 -16.12
CA ARG A 33 5.60 2.62 -16.22
C ARG A 33 5.79 2.19 -17.66
N ASP A 34 5.00 2.77 -18.58
CA ASP A 34 5.09 2.38 -19.98
C ASP A 34 6.42 2.78 -20.59
N GLN A 35 6.95 3.95 -20.19
CA GLN A 35 8.26 4.35 -20.68
C GLN A 35 9.34 3.38 -20.21
N LYS A 36 9.26 2.89 -18.98
CA LYS A 36 10.24 1.92 -18.50
C LYS A 36 10.06 0.56 -19.19
N ARG A 37 8.82 0.17 -19.48
CA ARG A 37 8.60 -1.04 -20.28
C ARG A 37 9.27 -0.91 -21.64
N MET A 38 9.11 0.24 -22.29
CA MET A 38 9.76 0.40 -23.59
C MET A 38 11.27 0.36 -23.44
N LEU A 39 11.81 1.02 -22.41
CA LEU A 39 13.26 1.04 -22.20
C LEU A 39 13.80 -0.38 -22.00
N TYR A 40 13.06 -1.23 -21.30
CA TYR A 40 13.48 -2.63 -21.19
C TYR A 40 13.69 -3.24 -22.57
N LEU A 41 12.74 -3.01 -23.49
CA LEU A 41 12.87 -3.58 -24.83
C LEU A 41 14.03 -2.94 -25.59
N PHE A 42 14.24 -1.64 -25.43
CA PHE A 42 15.37 -0.99 -26.09
C PHE A 42 16.69 -1.58 -25.61
N VAL A 43 16.82 -1.79 -24.30
CA VAL A 43 18.05 -2.36 -23.75
C VAL A 43 18.31 -3.75 -24.34
N ASP A 44 17.26 -4.57 -24.42
CA ASP A 44 17.42 -5.89 -25.03
C ASP A 44 17.88 -5.79 -26.48
N GLN A 45 17.28 -4.87 -27.23
CA GLN A 45 17.70 -4.69 -28.63
C GLN A 45 19.14 -4.25 -28.73
N ILE A 46 19.55 -3.29 -27.88
CA ILE A 46 20.93 -2.82 -27.91
C ILE A 46 21.89 -3.97 -27.58
N ARG A 47 21.55 -4.77 -26.56
CA ARG A 47 22.48 -5.83 -26.18
C ARG A 47 22.54 -6.94 -27.23
N LYS A 48 21.45 -7.16 -27.97
CA LYS A 48 21.41 -8.24 -28.95
C LYS A 48 21.93 -7.84 -30.32
N SER A 49 22.17 -6.55 -30.55
CA SER A 49 22.76 -6.09 -31.80
C SER A 49 24.28 -6.24 -31.78
N HIS A 56 27.77 0.68 -32.16
CA HIS A 56 26.36 0.97 -31.95
C HIS A 56 26.04 2.43 -32.24
N ASP A 57 24.82 2.69 -32.70
CA ASP A 57 24.38 4.06 -32.93
C ASP A 57 23.14 4.45 -32.12
N GLY A 58 22.48 3.49 -31.45
CA GLY A 58 21.37 3.80 -30.57
C GLY A 58 19.99 3.70 -31.18
N ILE A 59 19.89 3.44 -32.48
CA ILE A 59 18.59 3.41 -33.13
C ILE A 59 17.92 2.06 -32.86
N CYS A 60 16.72 2.13 -32.27
CA CYS A 60 15.95 0.96 -31.86
C CYS A 60 14.58 1.01 -32.51
N GLU A 61 13.84 -0.09 -32.45
CA GLU A 61 12.49 -0.08 -32.98
C GLU A 61 11.55 -0.80 -32.02
N ILE A 62 10.26 -0.53 -32.18
CA ILE A 62 9.23 -1.20 -31.40
C ILE A 62 8.05 -1.47 -32.31
N HIS A 63 7.71 -2.75 -32.49
CA HIS A 63 6.49 -3.17 -33.16
C HIS A 63 5.37 -3.22 -32.15
N VAL A 64 4.25 -2.55 -32.46
CA VAL A 64 3.10 -2.56 -31.56
C VAL A 64 2.68 -4.00 -31.27
N ALA A 65 2.62 -4.84 -32.31
CA ALA A 65 2.17 -6.22 -32.12
C ALA A 65 3.05 -6.98 -31.14
N LYS A 66 4.37 -6.77 -31.22
CA LYS A 66 5.29 -7.49 -30.33
C LYS A 66 5.18 -6.98 -28.90
N TYR A 67 5.11 -5.66 -28.72
CA TYR A 67 4.88 -5.10 -27.39
C TYR A 67 3.60 -5.65 -26.78
N ALA A 68 2.52 -5.68 -27.57
CA ALA A 68 1.25 -6.20 -27.08
C ALA A 68 1.38 -7.65 -26.63
N GLU A 69 2.14 -8.44 -27.37
CA GLU A 69 2.32 -9.85 -27.01
C GLU A 69 3.19 -10.00 -25.77
N ILE A 70 4.27 -9.23 -25.68
CA ILE A 70 5.14 -9.34 -24.52
C ILE A 70 4.38 -8.97 -23.25
N PHE A 71 3.64 -7.86 -23.29
CA PHE A 71 3.01 -7.36 -22.08
C PHE A 71 1.55 -7.78 -21.93
N GLY A 72 1.05 -8.65 -22.80
CA GLY A 72 -0.30 -9.18 -22.63
C GLY A 72 -1.39 -8.16 -22.88
N LEU A 73 -1.24 -7.34 -23.92
CA LEU A 73 -2.19 -6.29 -24.23
C LEU A 73 -2.84 -6.57 -25.59
N THR A 74 -3.95 -5.90 -25.83
CA THR A 74 -4.45 -5.83 -27.20
C THR A 74 -3.56 -4.87 -27.99
N SER A 75 -3.58 -5.01 -29.31
CA SER A 75 -2.80 -4.08 -30.13
C SER A 75 -3.31 -2.65 -29.96
N ALA A 76 -4.61 -2.47 -29.75
CA ALA A 76 -5.17 -1.15 -29.51
C ALA A 76 -4.58 -0.51 -28.26
N GLU A 77 -4.55 -1.26 -27.14
CA GLU A 77 -4.03 -0.70 -25.91
CA GLU A 77 -4.02 -0.69 -25.91
C GLU A 77 -2.52 -0.51 -25.99
N ALA A 78 -1.82 -1.45 -26.64
CA ALA A 78 -0.38 -1.30 -26.82
C ALA A 78 -0.06 -0.06 -27.64
N SER A 79 -0.81 0.17 -28.72
CA SER A 79 -0.56 1.36 -29.53
C SER A 79 -0.81 2.63 -28.74
N LYS A 80 -1.87 2.64 -27.91
CA LYS A 80 -2.14 3.83 -27.10
C LYS A 80 -1.03 4.06 -26.09
N ASP A 81 -0.60 3.00 -25.40
CA ASP A 81 0.48 3.11 -24.42
C ASP A 81 1.77 3.59 -25.08
N ILE A 82 2.15 2.96 -26.20
CA ILE A 82 3.39 3.31 -26.89
C ILE A 82 3.37 4.75 -27.36
N ARG A 83 2.25 5.17 -27.97
CA ARG A 83 2.20 6.52 -28.52
C ARG A 83 2.31 7.57 -27.41
N GLN A 84 1.64 7.33 -26.27
CA GLN A 84 1.74 8.27 -25.16
C GLN A 84 3.14 8.29 -24.57
N ALA A 85 3.74 7.10 -24.37
CA ALA A 85 5.07 7.02 -23.78
C ALA A 85 6.11 7.70 -24.67
N LEU A 86 6.02 7.49 -25.98
CA LEU A 86 7.00 8.09 -26.90
C LEU A 86 6.87 9.59 -26.94
N LYS A 87 5.64 10.09 -26.98
CA LYS A 87 5.41 11.54 -26.95
C LYS A 87 6.00 12.14 -25.67
N SER A 88 5.73 11.49 -24.53
CA SER A 88 6.17 11.98 -23.24
C SER A 88 7.65 11.82 -23.00
N PHE A 89 8.36 11.09 -23.87
CA PHE A 89 9.82 11.05 -23.74
C PHE A 89 10.45 12.40 -24.08
N ALA A 90 9.71 13.25 -24.78
CA ALA A 90 10.23 14.57 -25.14
C ALA A 90 10.71 15.32 -23.91
N GLY A 91 11.95 15.81 -23.98
CA GLY A 91 12.54 16.58 -22.91
C GLY A 91 13.02 15.78 -21.72
N LYS A 92 12.79 14.47 -21.68
CA LYS A 92 13.18 13.72 -20.50
C LYS A 92 14.67 13.43 -20.52
N GLU A 93 15.30 13.55 -19.36
CA GLU A 93 16.74 13.38 -19.23
C GLU A 93 17.04 12.43 -18.08
N VAL A 94 18.26 11.96 -18.06
CA VAL A 94 18.76 11.12 -16.98
C VAL A 94 20.02 11.75 -16.44
N VAL A 95 20.16 11.76 -15.11
CA VAL A 95 21.21 12.48 -14.43
C VAL A 95 22.05 11.47 -13.67
N PHE A 96 23.36 11.46 -13.93
CA PHE A 96 24.28 10.52 -13.30
C PHE A 96 25.12 11.24 -12.24
N TYR A 97 25.35 10.55 -11.13
CA TYR A 97 26.11 11.08 -10.00
C TYR A 97 27.46 10.40 -9.87
N TYR A 109 27.04 16.81 -11.29
CA TYR A 109 26.27 15.79 -12.00
C TYR A 109 26.36 15.95 -13.52
N GLU A 110 25.97 14.90 -14.24
CA GLU A 110 25.95 14.89 -15.70
C GLU A 110 24.56 14.50 -16.17
N SER A 111 23.98 15.29 -17.08
CA SER A 111 22.62 15.09 -17.56
C SER A 111 22.61 14.82 -19.07
N PHE A 112 21.82 13.82 -19.49
CA PHE A 112 21.77 13.36 -20.87
C PHE A 112 20.31 13.23 -21.29
N PRO A 113 19.93 13.73 -22.47
CA PRO A 113 18.60 13.40 -23.00
C PRO A 113 18.51 11.91 -23.33
N TRP A 114 17.35 11.32 -23.02
CA TRP A 114 17.15 9.91 -23.36
C TRP A 114 17.16 9.69 -24.86
N PHE A 115 16.41 10.52 -25.59
CA PHE A 115 16.29 10.47 -27.03
C PHE A 115 16.98 11.69 -27.62
N ILE A 116 17.53 11.55 -28.82
CA ILE A 116 18.13 12.69 -29.51
C ILE A 116 17.34 13.12 -30.73
N LYS A 117 16.24 12.42 -31.06
CA LYS A 117 15.30 12.86 -32.07
C LYS A 117 13.93 12.39 -31.63
N PRO A 118 12.86 13.06 -32.05
CA PRO A 118 11.52 12.53 -31.79
C PRO A 118 11.39 11.13 -32.38
N ALA A 119 10.62 10.29 -31.69
CA ALA A 119 10.25 9.01 -32.26
C ALA A 119 9.41 9.24 -33.51
N HIS A 120 9.54 8.35 -34.49
CA HIS A 120 8.70 8.42 -35.67
C HIS A 120 8.27 7.00 -36.06
N SER A 121 7.32 6.94 -36.98
CA SER A 121 6.71 5.69 -37.42
C SER A 121 7.00 5.49 -38.90
N PRO A 122 8.00 4.69 -39.25
CA PRO A 122 8.24 4.44 -40.70
C PRO A 122 7.17 3.56 -41.33
N SER A 123 6.71 2.54 -40.62
CA SER A 123 5.66 1.64 -41.10
C SER A 123 4.50 1.66 -40.13
N ARG A 124 3.33 1.24 -40.60
CA ARG A 124 2.22 1.11 -39.66
C ARG A 124 2.56 0.07 -38.60
N GLY A 125 2.24 0.39 -37.35
CA GLY A 125 2.57 -0.50 -36.25
C GLY A 125 4.03 -0.55 -35.86
N LEU A 126 4.89 0.29 -36.45
CA LEU A 126 6.31 0.27 -36.16
C LEU A 126 6.79 1.67 -35.83
N TYR A 127 7.63 1.78 -34.79
CA TYR A 127 8.17 3.05 -34.33
C TYR A 127 9.69 2.96 -34.24
N SER A 128 10.35 4.04 -34.62
CA SER A 128 11.80 4.13 -34.62
C SER A 128 12.20 5.20 -33.62
N VAL A 129 13.19 4.89 -32.79
CA VAL A 129 13.68 5.83 -31.78
C VAL A 129 15.19 5.87 -31.88
N HIS A 130 15.77 6.97 -31.40
CA HIS A 130 17.22 7.08 -31.34
C HIS A 130 17.63 7.34 -29.91
N ILE A 131 17.96 6.26 -29.19
CA ILE A 131 18.53 6.43 -27.86
C ILE A 131 19.85 7.15 -27.98
N ASN A 132 20.09 8.06 -27.03
CA ASN A 132 21.34 8.79 -26.98
C ASN A 132 22.52 7.84 -27.06
N PRO A 133 23.40 7.97 -28.06
CA PRO A 133 24.57 7.09 -28.12
C PRO A 133 25.41 7.13 -26.86
N TYR A 134 25.40 8.25 -26.11
CA TYR A 134 26.18 8.33 -24.89
C TYR A 134 25.60 7.49 -23.76
N LEU A 135 24.36 7.03 -23.89
CA LEU A 135 23.81 6.13 -22.91
C LEU A 135 24.08 4.67 -23.23
N ILE A 136 24.51 4.36 -24.46
CA ILE A 136 24.75 2.96 -24.84
CA ILE A 136 24.74 2.97 -24.83
C ILE A 136 25.76 2.30 -23.93
N PRO A 137 26.85 2.95 -23.50
CA PRO A 137 27.81 2.30 -22.59
C PRO A 137 27.23 1.92 -21.25
N PHE A 138 26.04 2.42 -20.89
CA PHE A 138 25.42 1.95 -19.66
C PHE A 138 24.68 0.65 -19.84
N PHE A 139 24.64 0.12 -21.06
CA PHE A 139 23.88 -1.09 -21.33
C PHE A 139 24.66 -2.20 -22.00
N ILE A 140 25.86 -1.94 -22.52
CA ILE A 140 26.70 -2.96 -23.15
C ILE A 140 28.14 -2.79 -22.66
N GLY A 141 28.95 -3.80 -22.95
CA GLY A 141 30.35 -3.80 -22.52
C GLY A 141 30.51 -3.68 -21.02
N LEU A 142 29.54 -4.16 -20.25
CA LEU A 142 29.61 -4.10 -18.80
C LEU A 142 30.34 -5.34 -18.31
N GLN A 143 31.33 -5.13 -17.45
CA GLN A 143 32.11 -6.25 -16.94
C GLN A 143 32.00 -6.41 -15.44
N ASN A 144 31.46 -5.41 -14.74
CA ASN A 144 31.17 -5.48 -13.32
C ASN A 144 30.24 -4.33 -13.00
N ARG A 145 29.82 -4.26 -11.73
CA ARG A 145 28.93 -3.23 -11.24
C ARG A 145 27.72 -3.06 -12.17
N PHE A 146 27.04 -4.17 -12.44
CA PHE A 146 25.87 -4.12 -13.30
C PHE A 146 24.72 -4.83 -12.62
N THR A 147 23.51 -4.42 -13.00
CA THR A 147 22.25 -4.94 -12.48
C THR A 147 21.61 -5.82 -13.53
N GLN A 148 21.10 -6.99 -13.14
CA GLN A 148 20.42 -7.85 -14.11
C GLN A 148 19.14 -8.40 -13.51
N PHE A 149 18.14 -8.52 -14.37
CA PHE A 149 16.86 -9.15 -14.01
C PHE A 149 16.19 -9.62 -15.30
N ARG A 150 15.29 -10.59 -15.17
CA ARG A 150 14.52 -11.01 -16.33
C ARG A 150 13.31 -10.11 -16.51
N LEU A 151 12.94 -9.88 -17.77
CA LEU A 151 11.79 -9.04 -18.06
C LEU A 151 10.54 -9.59 -17.39
N SER A 152 10.43 -10.92 -17.34
CA SER A 152 9.29 -11.56 -16.67
C SER A 152 9.13 -11.08 -15.23
N GLU A 153 10.22 -10.63 -14.58
CA GLU A 153 10.11 -10.22 -13.18
C GLU A 153 9.37 -8.90 -13.04
N THR A 154 9.48 -8.01 -14.02
CA THR A 154 8.96 -6.67 -13.88
C THR A 154 7.76 -6.38 -14.78
N LYS A 155 7.37 -7.32 -15.64
CA LYS A 155 6.41 -6.97 -16.68
C LYS A 155 4.99 -6.80 -16.15
N GLU A 156 4.72 -7.18 -14.92
CA GLU A 156 3.40 -6.98 -14.33
C GLU A 156 3.34 -5.79 -13.39
N ILE A 157 4.47 -5.16 -13.08
CA ILE A 157 4.43 -4.01 -12.17
C ILE A 157 3.68 -2.87 -12.85
N THR A 158 2.86 -2.16 -12.08
CA THR A 158 2.09 -1.04 -12.62
C THR A 158 2.59 0.32 -12.17
N ASN A 159 3.41 0.39 -11.11
CA ASN A 159 3.87 1.62 -10.51
C ASN A 159 5.33 1.85 -10.89
N PRO A 160 5.71 2.96 -11.54
CA PRO A 160 7.12 3.12 -11.96
C PRO A 160 8.10 3.26 -10.79
N TYR A 161 7.66 3.79 -9.64
CA TYR A 161 8.54 3.86 -8.50
C TYR A 161 8.76 2.48 -7.89
N ALA A 162 7.77 1.59 -7.99
CA ALA A 162 8.01 0.21 -7.58
C ALA A 162 9.00 -0.46 -8.51
N MET A 163 8.99 -0.12 -9.80
CA MET A 163 9.99 -0.64 -10.72
C MET A 163 11.39 -0.15 -10.34
N ARG A 164 11.53 1.15 -10.05
CA ARG A 164 12.80 1.67 -9.56
C ARG A 164 13.29 0.88 -8.35
N LEU A 165 12.41 0.68 -7.37
CA LEU A 165 12.82 -0.06 -6.18
C LEU A 165 13.20 -1.49 -6.51
N TYR A 166 12.39 -2.16 -7.34
CA TYR A 166 12.70 -3.54 -7.72
C TYR A 166 14.08 -3.64 -8.35
N GLU A 167 14.42 -2.73 -9.27
CA GLU A 167 15.72 -2.80 -9.92
C GLU A 167 16.85 -2.55 -8.92
N SER A 168 16.66 -1.61 -7.98
CA SER A 168 17.68 -1.38 -6.96
C SER A 168 17.86 -2.60 -6.06
N LEU A 169 16.79 -3.35 -5.81
CA LEU A 169 16.95 -4.57 -5.04
C LEU A 169 17.70 -5.64 -5.84
N CYS A 170 17.35 -5.77 -7.12
CA CYS A 170 18.07 -6.71 -7.98
C CYS A 170 19.56 -6.39 -8.04
N GLN A 171 19.92 -5.11 -7.92
CA GLN A 171 21.31 -4.70 -7.96
C GLN A 171 22.17 -5.39 -6.90
N TYR A 172 21.57 -5.74 -5.76
CA TYR A 172 22.30 -6.36 -4.67
C TYR A 172 21.88 -7.81 -4.44
N ARG A 173 21.18 -8.40 -5.42
CA ARG A 173 20.67 -9.77 -5.27
C ARG A 173 21.81 -10.77 -5.28
N LYS A 174 21.76 -11.71 -4.32
CA LYS A 174 22.75 -12.77 -4.21
C LYS A 174 22.38 -13.92 -5.14
N PRO A 175 23.32 -14.83 -5.41
CA PRO A 175 23.01 -15.93 -6.35
C PRO A 175 21.82 -16.78 -5.95
N ASP A 176 21.47 -16.82 -4.66
CA ASP A 176 20.29 -17.59 -4.26
C ASP A 176 19.00 -16.79 -4.39
N GLY A 177 19.06 -15.56 -4.91
CA GLY A 177 17.88 -14.77 -5.13
C GLY A 177 17.48 -13.86 -3.99
N SER A 178 18.23 -13.87 -2.89
CA SER A 178 17.93 -13.07 -1.71
C SER A 178 18.82 -11.84 -1.67
N GLY A 179 18.55 -10.98 -0.69
CA GLY A 179 19.40 -9.82 -0.51
C GLY A 179 18.94 -8.98 0.66
N ILE A 180 19.83 -8.09 1.09
CA ILE A 180 19.56 -7.08 2.11
C ILE A 180 20.11 -5.77 1.56
N VAL A 181 19.26 -4.75 1.46
CA VAL A 181 19.63 -3.48 0.84
C VAL A 181 19.19 -2.33 1.72
N SER A 182 20.15 -1.45 2.06
CA SER A 182 19.87 -0.24 2.83
CA SER A 182 19.86 -0.24 2.82
C SER A 182 19.92 0.97 1.89
N LEU A 183 18.84 1.74 1.85
CA LEU A 183 18.76 2.93 1.01
C LEU A 183 18.38 4.12 1.88
N LYS A 184 19.10 5.22 1.73
CA LYS A 184 18.75 6.44 2.47
C LYS A 184 17.51 7.07 1.87
N ILE A 185 16.69 7.67 2.73
CA ILE A 185 15.43 8.22 2.27
C ILE A 185 15.66 9.43 1.37
N ASP A 186 16.64 10.27 1.71
CA ASP A 186 16.93 11.40 0.83
CA ASP A 186 16.97 11.40 0.84
C ASP A 186 17.47 10.93 -0.52
N TRP A 187 18.18 9.79 -0.54
CA TRP A 187 18.66 9.22 -1.78
C TRP A 187 17.51 8.70 -2.64
N ILE A 188 16.55 8.00 -2.03
CA ILE A 188 15.37 7.54 -2.76
C ILE A 188 14.62 8.72 -3.36
N ILE A 189 14.40 9.76 -2.55
CA ILE A 189 13.67 10.92 -3.04
C ILE A 189 14.38 11.54 -4.24
N GLU A 190 15.71 11.63 -4.16
CA GLU A 190 16.46 12.32 -5.22
C GLU A 190 16.58 11.45 -6.48
N ARG A 191 16.93 10.18 -6.32
CA ARG A 191 17.19 9.37 -7.50
C ARG A 191 15.90 8.88 -8.17
N TYR A 192 14.91 8.47 -7.38
CA TYR A 192 13.64 8.09 -7.99
C TYR A 192 12.78 9.31 -8.31
N GLN A 193 13.25 10.50 -7.95
CA GLN A 193 12.56 11.75 -8.25
C GLN A 193 11.09 11.69 -7.84
N LEU A 194 10.88 11.36 -6.56
CA LEU A 194 9.53 11.28 -6.02
C LEU A 194 8.88 12.66 -6.00
N PRO A 195 7.59 12.76 -6.32
CA PRO A 195 6.93 14.06 -6.29
C PRO A 195 6.90 14.64 -4.88
N GLN A 196 6.66 15.96 -4.81
CA GLN A 196 6.61 16.65 -3.53
CA GLN A 196 6.61 16.65 -3.53
C GLN A 196 5.60 16.01 -2.58
N SER A 197 4.52 15.44 -3.12
CA SER A 197 3.50 14.80 -2.30
C SER A 197 3.97 13.49 -1.66
N TYR A 198 5.21 13.07 -1.93
CA TYR A 198 5.75 11.83 -1.42
C TYR A 198 6.82 12.01 -0.36
N GLN A 199 7.30 13.23 -0.13
CA GLN A 199 8.60 13.37 0.50
C GLN A 199 8.54 13.48 2.02
N ARG A 200 7.45 13.98 2.59
CA ARG A 200 7.34 14.04 4.04
C ARG A 200 6.96 12.68 4.58
N MET A 201 7.57 12.32 5.72
CA MET A 201 7.64 10.91 6.11
C MET A 201 6.29 10.22 6.28
N PRO A 202 5.21 10.86 6.76
CA PRO A 202 3.90 10.21 6.64
C PRO A 202 3.56 9.84 5.20
N ASP A 203 3.72 10.81 4.28
CA ASP A 203 3.41 10.56 2.88
C ASP A 203 4.37 9.56 2.26
N PHE A 204 5.67 9.68 2.56
CA PHE A 204 6.65 8.72 2.05
C PHE A 204 6.26 7.30 2.44
N ARG A 205 5.98 7.08 3.72
CA ARG A 205 5.62 5.75 4.20
C ARG A 205 4.38 5.22 3.51
N ARG A 206 3.42 6.10 3.22
CA ARG A 206 2.15 5.68 2.66
C ARG A 206 2.19 5.65 1.13
N ARG A 207 2.69 6.71 0.51
CA ARG A 207 2.62 6.82 -0.95
CA ARG A 207 2.62 6.81 -0.95
C ARG A 207 3.72 6.02 -1.64
N PHE A 208 4.91 5.95 -1.05
CA PHE A 208 6.00 5.20 -1.66
C PHE A 208 6.18 3.83 -1.02
N LEU A 209 6.54 3.80 0.26
CA LEU A 209 6.98 2.56 0.90
C LEU A 209 5.89 1.49 0.86
N GLN A 210 4.72 1.79 1.43
CA GLN A 210 3.68 0.76 1.55
C GLN A 210 3.19 0.31 0.19
N VAL A 211 2.90 1.25 -0.71
CA VAL A 211 2.33 0.91 -2.00
C VAL A 211 3.33 0.13 -2.85
N CYS A 212 4.60 0.56 -2.85
CA CYS A 212 5.58 -0.08 -3.74
C CYS A 212 6.00 -1.46 -3.23
N VAL A 213 6.16 -1.61 -1.91
CA VAL A 213 6.51 -2.91 -1.38
C VAL A 213 5.35 -3.88 -1.59
N ASN A 214 4.12 -3.41 -1.39
CA ASN A 214 2.98 -4.30 -1.61
C ASN A 214 2.82 -4.65 -3.08
N GLU A 215 3.15 -3.71 -3.98
CA GLU A 215 3.11 -4.00 -5.41
C GLU A 215 4.13 -5.08 -5.78
N ILE A 216 5.34 -4.98 -5.22
CA ILE A 216 6.35 -6.00 -5.47
C ILE A 216 5.89 -7.36 -4.95
N ASN A 217 5.34 -7.39 -3.74
CA ASN A 217 4.89 -8.65 -3.19
C ASN A 217 3.73 -9.24 -3.99
N SER A 218 2.94 -8.39 -4.66
CA SER A 218 1.76 -8.86 -5.38
C SER A 218 2.08 -9.32 -6.79
N ARG A 219 3.05 -8.68 -7.44
CA ARG A 219 3.16 -8.73 -8.90
C ARG A 219 4.52 -9.21 -9.41
N THR A 220 5.42 -9.62 -8.55
CA THR A 220 6.75 -10.10 -8.91
C THR A 220 7.03 -11.40 -8.17
N PRO A 221 8.07 -12.13 -8.58
CA PRO A 221 8.51 -13.31 -7.80
C PRO A 221 9.30 -13.00 -6.55
N MET A 222 9.41 -11.74 -6.15
CA MET A 222 10.16 -11.36 -4.96
C MET A 222 9.22 -11.23 -3.76
N ARG A 223 9.66 -11.74 -2.61
CA ARG A 223 8.98 -11.53 -1.35
C ARG A 223 9.84 -10.60 -0.50
N LEU A 224 9.26 -9.48 -0.09
CA LEU A 224 10.01 -8.32 0.34
C LEU A 224 9.42 -7.77 1.63
N SER A 225 10.28 -7.52 2.62
CA SER A 225 9.91 -6.80 3.83
C SER A 225 10.93 -5.68 4.06
N TYR A 226 10.62 -4.80 5.01
CA TYR A 226 11.54 -3.71 5.31
C TYR A 226 11.45 -3.32 6.78
N ILE A 227 12.47 -2.60 7.23
CA ILE A 227 12.53 -2.00 8.55
C ILE A 227 12.96 -0.55 8.40
N GLU A 228 12.29 0.36 9.10
CA GLU A 228 12.74 1.75 9.14
C GLU A 228 13.83 1.90 10.18
N LYS A 229 14.94 2.52 9.78
CA LYS A 229 16.01 2.86 10.69
C LYS A 229 15.94 4.34 11.03
N LYS A 230 16.15 4.66 12.30
CA LYS A 230 16.02 6.03 12.78
C LYS A 230 17.28 6.45 13.51
N LYS A 231 17.79 7.64 13.18
CA LYS A 231 18.88 8.28 13.92
C LYS A 231 18.23 9.17 14.97
N GLY A 232 17.97 8.61 16.14
CA GLY A 232 17.23 9.33 17.17
C GLY A 232 15.79 9.56 16.78
N ARG A 233 15.48 10.77 16.33
CA ARG A 233 14.11 11.13 15.95
C ARG A 233 13.84 11.01 14.46
N GLN A 234 14.85 11.23 13.62
CA GLN A 234 14.67 11.24 12.17
C GLN A 234 14.81 9.84 11.59
N THR A 235 13.83 9.43 10.79
CA THR A 235 13.92 8.21 9.99
C THR A 235 14.86 8.46 8.83
N THR A 236 16.04 7.81 8.85
CA THR A 236 17.10 8.11 7.89
C THR A 236 17.12 7.17 6.68
N HIS A 237 16.99 5.86 6.89
CA HIS A 237 17.05 4.92 5.77
C HIS A 237 16.10 3.76 6.01
N ILE A 238 15.90 2.99 4.94
CA ILE A 238 15.07 1.79 4.97
C ILE A 238 15.96 0.60 4.64
N VAL A 239 15.86 -0.46 5.46
CA VAL A 239 16.57 -1.70 5.20
C VAL A 239 15.58 -2.69 4.60
N PHE A 240 15.78 -3.06 3.34
CA PHE A 240 14.92 -4.01 2.64
C PHE A 240 15.54 -5.38 2.69
N SER A 241 14.73 -6.40 3.03
CA SER A 241 15.16 -7.79 2.97
C SER A 241 14.22 -8.51 2.02
N PHE A 242 14.78 -9.33 1.13
CA PHE A 242 13.94 -10.01 0.15
C PHE A 242 14.46 -11.40 -0.12
N ARG A 243 13.54 -12.25 -0.62
CA ARG A 243 13.82 -13.60 -1.06
C ARG A 243 13.01 -13.84 -2.33
N ASP A 244 13.41 -14.86 -3.09
CA ASP A 244 12.68 -15.25 -4.28
C ASP A 244 11.57 -16.24 -3.92
N ILE A 245 10.43 -16.13 -4.62
CA ILE A 245 9.32 -17.07 -4.41
C ILE A 245 9.77 -18.51 -4.70
N THR A 246 10.74 -18.68 -5.61
CA THR A 246 11.44 -19.96 -5.75
C THR A 246 12.20 -20.35 -4.48
N SER A 247 12.08 -19.55 -3.41
CA SER A 247 12.55 -19.87 -2.06
C SER A 247 14.07 -19.86 -1.94
N ASN B 14 -19.37 -2.85 33.33
CA ASN B 14 -18.81 -3.72 32.31
C ASN B 14 -17.74 -2.97 31.51
N SER B 15 -17.68 -3.22 30.21
CA SER B 15 -16.74 -2.50 29.36
C SER B 15 -17.49 -1.48 28.52
N PRO B 16 -16.80 -0.44 28.04
CA PRO B 16 -17.49 0.61 27.28
C PRO B 16 -18.22 0.03 26.07
N ARG B 17 -19.45 0.47 25.88
CA ARG B 17 -20.21 0.13 24.67
C ARG B 17 -19.83 1.13 23.59
N ILE B 18 -19.15 0.64 22.55
CA ILE B 18 -18.87 1.45 21.38
C ILE B 18 -20.11 1.43 20.49
N VAL B 19 -20.59 2.61 20.11
CA VAL B 19 -21.78 2.75 19.27
C VAL B 19 -21.44 3.70 18.14
N GLN B 20 -21.77 3.31 16.91
CA GLN B 20 -21.48 4.15 15.74
C GLN B 20 -22.53 3.90 14.67
N SER B 21 -22.73 4.92 13.82
CA SER B 21 -23.64 4.73 12.70
C SER B 21 -23.10 3.62 11.80
N ASN B 22 -24.03 2.85 11.21
CA ASN B 22 -23.64 1.84 10.23
C ASN B 22 -22.92 2.48 9.04
N ASP B 23 -23.16 3.76 8.75
CA ASP B 23 -22.40 4.37 7.67
C ASP B 23 -20.92 4.47 8.03
N LEU B 24 -20.59 4.51 9.31
CA LEU B 24 -19.18 4.46 9.71
C LEU B 24 -18.65 3.04 9.64
N THR B 25 -19.42 2.06 10.14
CA THR B 25 -19.01 0.67 10.02
C THR B 25 -18.70 0.29 8.57
N GLU B 26 -19.45 0.86 7.63
CA GLU B 26 -19.33 0.57 6.20
C GLU B 26 -18.40 1.54 5.47
N ALA B 27 -17.81 2.51 6.17
CA ALA B 27 -17.10 3.59 5.49
C ALA B 27 -15.78 3.09 4.95
N ALA B 28 -15.24 3.81 3.95
CA ALA B 28 -13.91 3.49 3.46
C ALA B 28 -12.86 4.24 4.27
N TYR B 29 -12.02 3.51 4.99
CA TYR B 29 -10.94 4.15 5.75
C TYR B 29 -9.87 3.11 5.99
N SER B 30 -8.73 3.56 6.48
CA SER B 30 -7.58 2.68 6.72
C SER B 30 -6.87 3.19 7.96
N LEU B 31 -7.17 2.58 9.10
CA LEU B 31 -6.55 2.90 10.37
C LEU B 31 -5.85 1.66 10.91
N SER B 32 -4.73 1.89 11.59
CA SER B 32 -4.00 0.81 12.23
C SER B 32 -4.81 0.27 13.40
N ARG B 33 -4.39 -0.90 13.91
CA ARG B 33 -4.99 -1.44 15.12
C ARG B 33 -4.99 -0.40 16.24
N ASP B 34 -3.84 0.24 16.48
CA ASP B 34 -3.76 1.21 17.56
C ASP B 34 -4.63 2.43 17.30
N GLN B 35 -4.69 2.91 16.06
CA GLN B 35 -5.56 4.03 15.76
C GLN B 35 -7.03 3.68 16.01
N LYS B 36 -7.41 2.43 15.71
CA LYS B 36 -8.78 2.00 15.99
C LYS B 36 -9.05 1.89 17.47
N ARG B 37 -8.05 1.42 18.24
CA ARG B 37 -8.18 1.43 19.71
C ARG B 37 -8.42 2.84 20.21
N MET B 38 -7.66 3.81 19.70
CA MET B 38 -7.86 5.18 20.16
C MET B 38 -9.23 5.69 19.76
N LEU B 39 -9.68 5.37 18.54
CA LEU B 39 -10.99 5.81 18.08
C LEU B 39 -12.11 5.25 18.96
N TYR B 40 -11.98 4.00 19.41
CA TYR B 40 -12.95 3.48 20.38
C TYR B 40 -13.03 4.38 21.60
N LEU B 41 -11.87 4.81 22.10
CA LEU B 41 -11.87 5.65 23.29
C LEU B 41 -12.45 7.03 22.98
N PHE B 42 -12.18 7.57 21.78
CA PHE B 42 -12.77 8.87 21.42
C PHE B 42 -14.29 8.77 21.37
N VAL B 43 -14.81 7.68 20.79
CA VAL B 43 -16.25 7.48 20.68
C VAL B 43 -16.89 7.41 22.05
N ASP B 44 -16.28 6.64 22.96
CA ASP B 44 -16.78 6.55 24.33
C ASP B 44 -16.80 7.91 25.01
N GLN B 45 -15.72 8.68 24.82
CA GLN B 45 -15.62 10.00 25.42
C GLN B 45 -16.67 10.95 24.84
N ILE B 46 -16.88 10.87 23.53
CA ILE B 46 -17.89 11.71 22.88
C ILE B 46 -19.29 11.34 23.38
N ARG B 47 -19.58 10.05 23.49
CA ARG B 47 -20.93 9.65 23.86
C ARG B 47 -21.26 9.95 25.31
N LYS B 48 -20.27 9.96 26.19
CA LYS B 48 -20.50 10.27 27.60
C LYS B 48 -20.42 11.76 27.89
N SER B 49 -20.28 12.59 26.85
CA SER B 49 -19.88 14.00 27.03
C SER B 49 -20.90 14.77 27.85
N ASP B 50 -22.15 14.86 27.35
CA ASP B 50 -23.35 15.42 28.00
C ASP B 50 -24.26 16.01 26.93
N ASP B 57 -17.95 19.49 20.27
CA ASP B 57 -17.06 20.22 19.38
C ASP B 57 -16.00 19.29 18.76
N GLY B 58 -15.84 18.11 19.34
CA GLY B 58 -14.93 17.10 18.82
C GLY B 58 -13.60 17.02 19.53
N ILE B 59 -13.32 17.91 20.49
CA ILE B 59 -12.06 17.87 21.19
C ILE B 59 -12.10 16.74 22.22
N CYS B 60 -11.19 15.78 22.08
CA CYS B 60 -11.04 14.66 23.00
C CYS B 60 -9.65 14.63 23.62
N GLU B 61 -9.53 13.90 24.73
CA GLU B 61 -8.27 13.74 25.43
C GLU B 61 -8.00 12.25 25.63
N ILE B 62 -6.72 11.89 25.70
CA ILE B 62 -6.31 10.54 26.06
C ILE B 62 -5.24 10.64 27.13
N HIS B 63 -5.45 9.93 28.25
CA HIS B 63 -4.43 9.72 29.26
C HIS B 63 -3.66 8.45 28.93
N VAL B 64 -2.34 8.54 28.84
CA VAL B 64 -1.52 7.37 28.57
C VAL B 64 -1.80 6.26 29.58
N ALA B 65 -1.90 6.63 30.86
CA ALA B 65 -2.11 5.63 31.90
C ALA B 65 -3.46 4.94 31.78
N LYS B 66 -4.50 5.66 31.35
CA LYS B 66 -5.82 5.05 31.18
C LYS B 66 -5.84 4.11 29.98
N TYR B 67 -5.24 4.55 28.86
CA TYR B 67 -5.07 3.65 27.71
C TYR B 67 -4.32 2.40 28.11
N ALA B 68 -3.25 2.56 28.90
CA ALA B 68 -2.46 1.41 29.32
C ALA B 68 -3.30 0.44 30.15
N GLU B 69 -4.09 0.98 31.07
CA GLU B 69 -4.94 0.13 31.92
C GLU B 69 -5.97 -0.62 31.09
N ILE B 70 -6.63 0.09 30.15
CA ILE B 70 -7.68 -0.51 29.35
C ILE B 70 -7.14 -1.66 28.52
N PHE B 71 -6.01 -1.42 27.83
CA PHE B 71 -5.49 -2.41 26.91
C PHE B 71 -4.39 -3.28 27.51
N GLY B 72 -4.19 -3.21 28.82
CA GLY B 72 -3.27 -4.11 29.49
C GLY B 72 -1.83 -3.91 29.05
N LEU B 73 -1.39 -2.66 29.05
CA LEU B 73 -0.06 -2.28 28.60
C LEU B 73 0.69 -1.58 29.72
N THR B 74 2.01 -1.58 29.60
CA THR B 74 2.80 -0.66 30.41
C THR B 74 2.60 0.76 29.93
N SER B 75 2.87 1.73 30.81
CA SER B 75 2.76 3.12 30.38
C SER B 75 3.75 3.42 29.25
N ALA B 76 4.94 2.82 29.32
CA ALA B 76 5.93 2.99 28.26
C ALA B 76 5.40 2.50 26.91
N GLU B 77 4.81 1.30 26.89
CA GLU B 77 4.31 0.78 25.62
CA GLU B 77 4.31 0.77 25.62
C GLU B 77 3.08 1.54 25.17
N ALA B 78 2.22 1.95 26.10
CA ALA B 78 1.06 2.74 25.72
C ALA B 78 1.48 4.07 25.13
N SER B 79 2.45 4.74 25.75
CA SER B 79 2.93 6.01 25.23
C SER B 79 3.51 5.86 23.83
N LYS B 80 4.32 4.82 23.62
CA LYS B 80 4.84 4.52 22.28
C LYS B 80 3.70 4.32 21.28
N ASP B 81 2.71 3.51 21.64
CA ASP B 81 1.61 3.23 20.72
C ASP B 81 0.81 4.48 20.41
N ILE B 82 0.51 5.30 21.43
CA ILE B 82 -0.31 6.49 21.25
C ILE B 82 0.42 7.52 20.41
N ARG B 83 1.71 7.73 20.66
CA ARG B 83 2.49 8.70 19.91
CA ARG B 83 2.49 8.70 19.91
C ARG B 83 2.50 8.36 18.43
N GLN B 84 2.81 7.11 18.10
CA GLN B 84 2.91 6.70 16.70
CA GLN B 84 2.90 6.72 16.69
C GLN B 84 1.54 6.76 16.01
N ALA B 85 0.48 6.37 16.71
CA ALA B 85 -0.84 6.39 16.10
C ALA B 85 -1.33 7.82 15.89
N LEU B 86 -1.06 8.71 16.85
CA LEU B 86 -1.52 10.09 16.70
C LEU B 86 -0.81 10.78 15.53
N LYS B 87 0.50 10.57 15.41
CA LYS B 87 1.24 11.11 14.27
C LYS B 87 0.70 10.55 12.97
N SER B 88 0.48 9.24 12.93
CA SER B 88 0.00 8.55 11.75
C SER B 88 -1.40 9.01 11.34
N PHE B 89 -2.13 9.69 12.23
CA PHE B 89 -3.45 10.19 11.85
C PHE B 89 -3.34 11.34 10.86
N ALA B 90 -2.19 12.00 10.82
CA ALA B 90 -1.99 13.09 9.88
C ALA B 90 -2.30 12.63 8.46
N GLY B 91 -3.17 13.37 7.79
CA GLY B 91 -3.50 13.11 6.40
C GLY B 91 -4.53 12.02 6.15
N LYS B 92 -5.01 11.33 7.17
CA LYS B 92 -5.93 10.24 6.93
C LYS B 92 -7.37 10.74 6.85
N GLU B 93 -8.15 10.11 5.99
CA GLU B 93 -9.53 10.53 5.74
C GLU B 93 -10.45 9.32 5.80
N VAL B 94 -11.74 9.61 5.99
CA VAL B 94 -12.77 8.58 5.96
C VAL B 94 -13.79 8.97 4.91
N VAL B 95 -14.21 8.00 4.12
CA VAL B 95 -15.05 8.26 2.95
C VAL B 95 -16.39 7.56 3.15
N PHE B 96 -17.48 8.34 3.08
CA PHE B 96 -18.82 7.84 3.26
C PHE B 96 -19.53 7.72 1.92
N TYR B 97 -20.27 6.63 1.75
CA TYR B 97 -20.89 6.30 0.47
C TYR B 97 -22.42 6.45 0.51
N TYR B 109 -19.77 10.08 -3.02
CA TYR B 109 -18.80 9.95 -1.94
C TYR B 109 -18.51 11.29 -1.27
N GLU B 110 -18.41 11.28 0.06
CA GLU B 110 -18.01 12.42 0.86
C GLU B 110 -16.83 12.01 1.72
N SER B 111 -15.70 12.71 1.58
CA SER B 111 -14.50 12.38 2.32
C SER B 111 -14.21 13.46 3.37
N PHE B 112 -13.75 13.02 4.54
CA PHE B 112 -13.51 13.91 5.68
C PHE B 112 -12.17 13.55 6.32
N PRO B 113 -11.36 14.54 6.67
CA PRO B 113 -10.19 14.27 7.52
C PRO B 113 -10.65 13.83 8.91
N TRP B 114 -9.96 12.83 9.47
CA TRP B 114 -10.27 12.37 10.83
C TRP B 114 -10.05 13.47 11.84
N PHE B 115 -8.89 14.13 11.78
CA PHE B 115 -8.48 15.22 12.66
C PHE B 115 -8.42 16.51 11.86
N ILE B 116 -8.68 17.62 12.53
CA ILE B 116 -8.57 18.94 11.89
C ILE B 116 -7.40 19.75 12.41
N LYS B 117 -6.67 19.22 13.39
CA LYS B 117 -5.43 19.83 13.87
C LYS B 117 -4.55 18.69 14.33
N PRO B 118 -3.23 18.84 14.27
CA PRO B 118 -2.36 17.80 14.80
C PRO B 118 -2.62 17.60 16.29
N ALA B 119 -2.46 16.36 16.76
CA ALA B 119 -2.56 16.13 18.19
C ALA B 119 -1.40 16.80 18.92
N HIS B 120 -1.65 17.23 20.15
CA HIS B 120 -0.63 17.84 20.98
C HIS B 120 -0.79 17.35 22.41
N SER B 121 0.22 17.60 23.22
CA SER B 121 0.23 17.15 24.61
C SER B 121 0.26 18.34 25.56
N PRO B 122 -0.87 18.69 26.18
CA PRO B 122 -0.85 19.81 27.13
C PRO B 122 -0.15 19.48 28.43
N SER B 123 -0.29 18.24 28.90
CA SER B 123 0.29 17.79 30.16
C SER B 123 1.08 16.53 29.92
N ARG B 124 1.90 16.16 30.90
CA ARG B 124 2.62 14.89 30.84
C ARG B 124 1.63 13.74 30.75
N GLY B 125 1.83 12.87 29.76
CA GLY B 125 1.00 11.71 29.58
C GLY B 125 -0.43 12.01 29.18
N LEU B 126 -0.69 13.23 28.71
CA LEU B 126 -2.00 13.62 28.24
C LEU B 126 -1.89 14.15 26.83
N TYR B 127 -2.80 13.70 25.95
CA TYR B 127 -2.82 14.12 24.56
C TYR B 127 -4.20 14.66 24.22
N SER B 128 -4.23 15.78 23.50
CA SER B 128 -5.46 16.42 23.07
C SER B 128 -5.57 16.25 21.56
N VAL B 129 -6.77 15.90 21.09
CA VAL B 129 -7.05 15.74 19.67
C VAL B 129 -8.31 16.52 19.35
N HIS B 130 -8.44 16.94 18.10
CA HIS B 130 -9.68 17.55 17.63
C HIS B 130 -10.24 16.69 16.50
N ILE B 131 -11.14 15.78 16.86
CA ILE B 131 -11.89 15.01 15.86
C ILE B 131 -12.74 15.97 15.04
N ASN B 132 -12.75 15.77 13.73
CA ASN B 132 -13.58 16.55 12.82
C ASN B 132 -15.00 16.68 13.37
N PRO B 133 -15.49 17.89 13.61
CA PRO B 133 -16.85 18.02 14.13
C PRO B 133 -17.91 17.41 13.22
N TYR B 134 -17.64 17.28 11.92
CA TYR B 134 -18.60 16.64 11.02
C TYR B 134 -18.68 15.13 11.22
N LEU B 135 -17.76 14.53 11.96
CA LEU B 135 -17.87 13.10 12.24
C LEU B 135 -18.67 12.83 13.50
N ILE B 136 -18.90 13.85 14.33
CA ILE B 136 -19.62 13.65 15.59
CA ILE B 136 -19.62 13.63 15.58
C ILE B 136 -21.00 13.05 15.35
N PRO B 137 -21.79 13.47 14.35
CA PRO B 137 -23.10 12.84 14.15
C PRO B 137 -23.04 11.36 13.82
N PHE B 138 -21.87 10.82 13.50
CA PHE B 138 -21.77 9.38 13.30
C PHE B 138 -21.65 8.61 14.60
N PHE B 139 -21.56 9.29 15.74
CA PHE B 139 -21.34 8.62 17.01
C PHE B 139 -22.34 8.98 18.09
N ILE B 140 -23.12 10.05 17.92
CA ILE B 140 -24.12 10.45 18.91
C ILE B 140 -25.45 10.71 18.21
N GLY B 141 -26.51 10.71 19.01
CA GLY B 141 -27.83 10.99 18.46
C GLY B 141 -28.29 9.95 17.48
N LEU B 142 -27.82 8.72 17.62
CA LEU B 142 -28.22 7.65 16.71
C LEU B 142 -29.48 7.00 17.24
N GLN B 143 -30.50 6.91 16.38
CA GLN B 143 -31.76 6.30 16.75
C GLN B 143 -32.02 4.96 16.08
N ASN B 144 -31.31 4.65 15.00
CA ASN B 144 -31.40 3.37 14.31
C ASN B 144 -30.23 3.28 13.34
N ARG B 145 -30.14 2.16 12.63
CA ARG B 145 -29.04 1.91 11.71
C ARG B 145 -27.69 2.19 12.37
N PHE B 146 -27.48 1.57 13.53
CA PHE B 146 -26.25 1.75 14.27
C PHE B 146 -25.69 0.40 14.70
N THR B 147 -24.37 0.38 14.87
CA THR B 147 -23.58 -0.78 15.25
C THR B 147 -23.14 -0.63 16.70
N GLN B 148 -23.25 -1.70 17.48
CA GLN B 148 -22.78 -1.65 18.86
C GLN B 148 -22.02 -2.90 19.24
N PHE B 149 -20.99 -2.70 20.06
CA PHE B 149 -20.21 -3.79 20.60
C PHE B 149 -19.50 -3.30 21.84
N ARG B 150 -19.09 -4.23 22.71
CA ARG B 150 -18.32 -3.86 23.89
C ARG B 150 -16.85 -3.79 23.54
N LEU B 151 -16.14 -2.84 24.17
CA LEU B 151 -14.70 -2.71 23.94
C LEU B 151 -13.98 -4.01 24.25
N SER B 152 -14.44 -4.72 25.28
CA SER B 152 -13.86 -6.01 25.63
C SER B 152 -13.85 -7.00 24.46
N GLU B 153 -14.79 -6.87 23.51
CA GLU B 153 -14.87 -7.82 22.41
C GLU B 153 -13.69 -7.68 21.47
N THR B 154 -13.22 -6.47 21.28
CA THR B 154 -12.22 -6.22 20.25
C THR B 154 -10.84 -5.93 20.81
N LYS B 155 -10.69 -5.81 22.13
CA LYS B 155 -9.45 -5.28 22.66
C LYS B 155 -8.28 -6.23 22.52
N GLU B 156 -8.49 -7.47 22.09
CA GLU B 156 -7.38 -8.39 21.86
C GLU B 156 -7.05 -8.63 20.39
N ILE B 157 -7.81 -8.05 19.46
CA ILE B 157 -7.51 -8.24 18.05
C ILE B 157 -6.24 -7.48 17.68
N THR B 158 -5.37 -8.10 16.89
CA THR B 158 -4.13 -7.46 16.51
C THR B 158 -4.17 -6.91 15.09
N ASN B 159 -5.09 -7.41 14.28
CA ASN B 159 -5.13 -7.11 12.85
C ASN B 159 -6.25 -6.12 12.58
N PRO B 160 -5.96 -4.93 12.03
CA PRO B 160 -7.05 -3.95 11.85
C PRO B 160 -8.12 -4.38 10.87
N TYR B 161 -7.77 -5.21 9.87
CA TYR B 161 -8.80 -5.68 8.96
C TYR B 161 -9.73 -6.66 9.66
N ALA B 162 -9.20 -7.46 10.59
CA ALA B 162 -10.06 -8.30 11.42
C ALA B 162 -10.97 -7.47 12.30
N MET B 163 -10.51 -6.29 12.73
CA MET B 163 -11.39 -5.41 13.51
C MET B 163 -12.51 -4.87 12.64
N ARG B 164 -12.19 -4.42 11.41
CA ARG B 164 -13.22 -4.00 10.47
C ARG B 164 -14.25 -5.10 10.24
N LEU B 165 -13.78 -6.34 10.04
CA LEU B 165 -14.72 -7.44 9.83
C LEU B 165 -15.58 -7.66 11.06
N TYR B 166 -14.94 -7.73 12.23
CA TYR B 166 -15.68 -7.94 13.47
C TYR B 166 -16.79 -6.90 13.64
N GLU B 167 -16.50 -5.62 13.35
CA GLU B 167 -17.51 -4.59 13.48
C GLU B 167 -18.64 -4.76 12.48
N SER B 168 -18.34 -5.12 11.21
CA SER B 168 -19.44 -5.35 10.27
C SER B 168 -20.26 -6.56 10.67
N LEU B 169 -19.66 -7.55 11.32
CA LEU B 169 -20.47 -8.66 11.81
C LEU B 169 -21.38 -8.19 12.94
N CYS B 170 -20.84 -7.42 13.88
CA CYS B 170 -21.67 -6.86 14.95
C CYS B 170 -22.82 -6.03 14.41
N GLN B 171 -22.63 -5.40 13.25
CA GLN B 171 -23.70 -4.59 12.66
C GLN B 171 -24.97 -5.40 12.40
N TYR B 172 -24.85 -6.70 12.12
CA TYR B 172 -26.00 -7.55 11.82
C TYR B 172 -26.29 -8.58 12.90
N ARG B 173 -25.65 -8.45 14.07
CA ARG B 173 -25.81 -9.40 15.16
C ARG B 173 -27.24 -9.38 15.70
N LYS B 174 -27.81 -10.56 15.92
CA LYS B 174 -29.13 -10.67 16.52
C LYS B 174 -28.99 -10.58 18.05
N PRO B 175 -30.08 -10.32 18.77
CA PRO B 175 -29.99 -10.24 20.24
C PRO B 175 -29.28 -11.42 20.89
N ASP B 176 -29.38 -12.62 20.34
CA ASP B 176 -28.73 -13.78 20.95
C ASP B 176 -27.23 -13.87 20.61
N GLY B 177 -26.66 -12.85 19.98
CA GLY B 177 -25.25 -12.85 19.66
C GLY B 177 -24.90 -13.55 18.37
N SER B 178 -25.90 -14.07 17.65
CA SER B 178 -25.69 -14.81 16.41
C SER B 178 -25.92 -13.88 15.22
N GLY B 179 -25.48 -14.33 14.04
CA GLY B 179 -25.70 -13.56 12.84
C GLY B 179 -25.24 -14.30 11.60
N ILE B 180 -25.74 -13.85 10.46
CA ILE B 180 -25.30 -14.32 9.16
C ILE B 180 -25.18 -13.08 8.28
N VAL B 181 -24.02 -12.89 7.67
CA VAL B 181 -23.74 -11.66 6.94
C VAL B 181 -23.10 -11.99 5.61
N SER B 182 -23.66 -11.48 4.53
CA SER B 182 -23.06 -11.61 3.21
CA SER B 182 -23.06 -11.61 3.21
C SER B 182 -22.44 -10.29 2.80
N LEU B 183 -21.17 -10.34 2.42
CA LEU B 183 -20.43 -9.16 2.00
C LEU B 183 -19.82 -9.42 0.63
N LYS B 184 -19.98 -8.48 -0.28
CA LYS B 184 -19.37 -8.66 -1.59
C LYS B 184 -17.86 -8.44 -1.53
N ILE B 185 -17.15 -9.17 -2.38
CA ILE B 185 -15.69 -9.13 -2.32
C ILE B 185 -15.18 -7.74 -2.71
N ASP B 186 -15.70 -7.16 -3.78
CA ASP B 186 -15.25 -5.83 -4.18
CA ASP B 186 -15.25 -5.84 -4.17
C ASP B 186 -15.59 -4.80 -3.11
N TRP B 187 -16.72 -4.98 -2.42
CA TRP B 187 -17.08 -4.08 -1.33
C TRP B 187 -16.08 -4.18 -0.19
N ILE B 188 -15.67 -5.40 0.17
CA ILE B 188 -14.69 -5.56 1.24
C ILE B 188 -13.37 -4.87 0.87
N ILE B 189 -12.89 -5.07 -0.35
CA ILE B 189 -11.63 -4.46 -0.76
C ILE B 189 -11.74 -2.94 -0.71
N GLU B 190 -12.87 -2.40 -1.18
CA GLU B 190 -13.05 -0.96 -1.24
C GLU B 190 -13.18 -0.33 0.15
N ARG B 191 -14.07 -0.86 0.98
CA ARG B 191 -14.35 -0.22 2.25
C ARG B 191 -13.26 -0.48 3.27
N TYR B 192 -12.76 -1.72 3.38
CA TYR B 192 -11.65 -1.96 4.29
C TYR B 192 -10.31 -1.54 3.70
N GLN B 193 -10.32 -1.05 2.46
CA GLN B 193 -9.12 -0.54 1.79
CA GLN B 193 -9.11 -0.54 1.82
C GLN B 193 -7.98 -1.56 1.87
N LEU B 194 -8.29 -2.79 1.45
CA LEU B 194 -7.31 -3.86 1.51
C LEU B 194 -6.17 -3.57 0.52
N PRO B 195 -4.93 -3.87 0.91
CA PRO B 195 -3.79 -3.59 0.02
C PRO B 195 -3.81 -4.50 -1.20
N GLN B 196 -2.91 -4.19 -2.15
CA GLN B 196 -2.83 -4.97 -3.38
C GLN B 196 -2.53 -6.43 -3.10
N SER B 197 -1.81 -6.70 -1.99
CA SER B 197 -1.48 -8.07 -1.62
C SER B 197 -2.70 -8.93 -1.34
N TYR B 198 -3.86 -8.32 -1.14
CA TYR B 198 -5.05 -9.02 -0.66
C TYR B 198 -6.13 -9.22 -1.72
N GLN B 199 -5.88 -8.86 -2.98
CA GLN B 199 -7.00 -8.60 -3.89
C GLN B 199 -7.35 -9.77 -4.83
N ARG B 200 -6.37 -10.47 -5.40
CA ARG B 200 -6.70 -11.66 -6.18
C ARG B 200 -7.27 -12.76 -5.28
N MET B 201 -8.18 -13.57 -5.86
CA MET B 201 -8.99 -14.46 -5.02
C MET B 201 -8.21 -15.42 -4.14
N PRO B 202 -7.08 -16.02 -4.57
CA PRO B 202 -6.33 -16.86 -3.62
C PRO B 202 -5.63 -16.05 -2.54
N ASP B 203 -5.24 -14.80 -2.83
CA ASP B 203 -4.58 -13.97 -1.82
C ASP B 203 -5.58 -13.30 -0.89
N PHE B 204 -6.75 -12.93 -1.42
CA PHE B 204 -7.87 -12.54 -0.56
C PHE B 204 -8.21 -13.65 0.41
N ARG B 205 -8.29 -14.88 -0.12
CA ARG B 205 -8.61 -16.04 0.70
C ARG B 205 -7.59 -16.23 1.81
N ARG B 206 -6.31 -16.07 1.50
CA ARG B 206 -5.24 -16.39 2.44
C ARG B 206 -4.95 -15.24 3.41
N ARG B 207 -4.75 -14.03 2.87
CA ARG B 207 -4.33 -12.90 3.69
CA ARG B 207 -4.33 -12.90 3.69
C ARG B 207 -5.49 -12.24 4.42
N PHE B 208 -6.69 -12.28 3.85
CA PHE B 208 -7.84 -11.70 4.54
C PHE B 208 -8.67 -12.75 5.25
N LEU B 209 -9.26 -13.68 4.48
CA LEU B 209 -10.23 -14.60 5.06
C LEU B 209 -9.59 -15.48 6.13
N GLN B 210 -8.49 -16.16 5.80
CA GLN B 210 -7.93 -17.12 6.75
C GLN B 210 -7.39 -16.42 7.99
N VAL B 211 -6.62 -15.35 7.79
CA VAL B 211 -5.95 -14.66 8.91
C VAL B 211 -6.97 -14.02 9.82
N CYS B 212 -7.98 -13.36 9.25
CA CYS B 212 -8.86 -12.52 10.04
C CYS B 212 -9.91 -13.36 10.74
N VAL B 213 -10.38 -14.40 10.07
CA VAL B 213 -11.32 -15.31 10.71
C VAL B 213 -10.65 -16.10 11.83
N ASN B 214 -9.38 -16.50 11.65
CA ASN B 214 -8.68 -17.16 12.76
C ASN B 214 -8.47 -16.19 13.92
N GLU B 215 -8.16 -14.93 13.61
CA GLU B 215 -8.01 -13.91 14.65
C GLU B 215 -9.29 -13.76 15.46
N ILE B 216 -10.43 -13.62 14.79
CA ILE B 216 -11.70 -13.49 15.50
C ILE B 216 -11.96 -14.72 16.37
N ASN B 217 -11.74 -15.92 15.81
CA ASN B 217 -12.06 -17.13 16.55
C ASN B 217 -11.17 -17.31 17.76
N SER B 218 -9.95 -16.78 17.70
CA SER B 218 -8.99 -17.07 18.75
C SER B 218 -8.85 -15.94 19.76
N ARG B 219 -9.35 -14.74 19.45
CA ARG B 219 -9.10 -13.58 20.27
CA ARG B 219 -9.10 -13.59 20.29
C ARG B 219 -10.36 -12.83 20.70
N THR B 220 -11.55 -13.30 20.32
CA THR B 220 -12.80 -12.64 20.63
C THR B 220 -13.78 -13.68 21.16
N PRO B 221 -14.92 -13.24 21.70
CA PRO B 221 -15.97 -14.20 22.07
C PRO B 221 -16.82 -14.69 20.91
N MET B 222 -16.51 -14.28 19.68
CA MET B 222 -17.26 -14.73 18.52
C MET B 222 -16.62 -15.98 17.94
N ARG B 223 -17.45 -16.94 17.54
CA ARG B 223 -16.99 -18.09 16.78
C ARG B 223 -17.61 -17.98 15.39
N LEU B 224 -16.75 -18.04 14.37
CA LEU B 224 -17.08 -17.54 13.04
C LEU B 224 -16.59 -18.49 11.96
N SER B 225 -17.43 -18.72 10.94
CA SER B 225 -17.02 -19.37 9.71
C SER B 225 -17.30 -18.47 8.51
N TYR B 226 -16.46 -18.61 7.48
CA TYR B 226 -16.64 -17.98 6.18
C TYR B 226 -16.89 -19.04 5.10
N ILE B 227 -17.69 -18.68 4.10
CA ILE B 227 -18.13 -19.59 3.04
CA ILE B 227 -18.07 -19.59 3.03
C ILE B 227 -18.32 -18.78 1.76
N GLU B 228 -17.70 -19.23 0.67
CA GLU B 228 -17.69 -18.50 -0.59
C GLU B 228 -18.91 -18.82 -1.46
N LYS B 229 -19.36 -17.81 -2.20
CA LYS B 229 -20.49 -17.94 -3.11
C LYS B 229 -20.03 -17.56 -4.51
N LYS B 230 -20.57 -18.26 -5.50
CA LYS B 230 -20.14 -18.17 -6.89
C LYS B 230 -21.29 -17.74 -7.79
N LYS B 231 -20.91 -17.11 -8.89
CA LYS B 231 -21.77 -17.00 -10.07
C LYS B 231 -20.84 -17.33 -11.24
N GLY B 232 -20.95 -18.54 -11.76
CA GLY B 232 -20.01 -18.97 -12.80
C GLY B 232 -18.63 -19.16 -12.20
N ARG B 233 -17.62 -18.62 -12.90
CA ARG B 233 -16.23 -18.76 -12.49
C ARG B 233 -15.75 -17.63 -11.59
N GLN B 234 -16.63 -16.69 -11.22
CA GLN B 234 -16.26 -15.58 -10.36
C GLN B 234 -16.86 -15.77 -8.98
N THR B 235 -16.01 -15.71 -7.95
CA THR B 235 -16.50 -15.62 -6.58
C THR B 235 -16.98 -14.19 -6.34
N THR B 236 -18.22 -14.05 -5.93
CA THR B 236 -18.81 -12.72 -5.80
C THR B 236 -18.98 -12.24 -4.36
N HIS B 237 -19.25 -13.12 -3.42
CA HIS B 237 -19.40 -12.65 -2.05
C HIS B 237 -19.02 -13.76 -1.09
N ILE B 238 -18.81 -13.36 0.16
CA ILE B 238 -18.50 -14.26 1.27
C ILE B 238 -19.68 -14.22 2.23
N VAL B 239 -20.13 -15.39 2.67
CA VAL B 239 -21.15 -15.47 3.69
C VAL B 239 -20.44 -15.76 5.00
N PHE B 240 -20.71 -14.95 6.02
CA PHE B 240 -20.14 -15.16 7.35
C PHE B 240 -21.25 -15.60 8.29
N SER B 241 -21.00 -16.68 9.04
CA SER B 241 -21.95 -17.18 10.02
CA SER B 241 -21.96 -17.18 10.02
C SER B 241 -21.27 -17.19 11.37
N PHE B 242 -21.96 -16.67 12.39
CA PHE B 242 -21.30 -16.60 13.69
C PHE B 242 -22.29 -16.77 14.82
N ARG B 243 -21.73 -17.15 15.96
CA ARG B 243 -22.44 -17.27 17.22
C ARG B 243 -21.52 -16.73 18.30
N ASP B 244 -22.10 -16.38 19.44
CA ASP B 244 -21.32 -15.92 20.58
C ASP B 244 -21.01 -17.11 21.46
N ILE B 245 -19.81 -17.12 22.05
CA ILE B 245 -19.41 -18.28 22.84
C ILE B 245 -20.32 -18.44 24.05
N THR B 246 -20.93 -17.34 24.50
CA THR B 246 -21.97 -17.43 25.53
C THR B 246 -23.09 -18.39 25.13
N SER B 247 -23.32 -18.59 23.83
CA SER B 247 -24.31 -19.55 23.36
C SER B 247 -23.83 -20.98 23.61
#